data_5MKU
#
_entry.id   5MKU
#
_cell.length_a   77.650
_cell.length_b   77.650
_cell.length_c   81.241
_cell.angle_alpha   90.000
_cell.angle_beta   90.000
_cell.angle_gamma   120.000
#
_symmetry.space_group_name_H-M   'P 32 2 1'
#
loop_
_entity.id
_entity.type
_entity.pdbx_description
1 polymer 'Retinoic acid receptor RXR-alpha'
2 polymer HIS-LYS-ILE-LEU-HIS-ARG-LEU-LEU-GLN-ASP-SER
3 non-polymer '(~{E})-3-[4-oxidanyl-3-(3-propan-2-ylphenyl)phenyl]prop-2-enoic acid'
4 water water
#
loop_
_entity_poly.entity_id
_entity_poly.type
_entity_poly.pdbx_seq_one_letter_code
_entity_poly.pdbx_strand_id
1 'polypeptide(L)'
;DMPVERILEAELAVEPKTETYVEANMGLNPSSPNDPVTNICQAADKQLFTLVEWAKRIPHFSELPLDDQVILLRAGWNEL
LIASFSHRSIAVKDGILLATGLHVHRNSAHSAGVGAIFDRVLTELVSKMRDMQMDKTELGCLRAIVLFNPDSKGLSNPAE
VEALREKVYASLEAYCKHKYPEQPGRFAKLLLRLPALRSIGLKCLEHLFFFKLIGDTPIDTFLMEMLE
;
A
2 'polypeptide(L)' HKILHRLLQDS B
#
# COMPACT_ATOMS: atom_id res chain seq x y z
N ASP A 1 17.23 -9.89 -12.80
CA ASP A 1 16.00 -9.46 -13.55
C ASP A 1 14.94 -8.69 -12.71
N MET A 2 14.63 -9.25 -11.56
CA MET A 2 13.76 -8.60 -10.59
C MET A 2 14.34 -8.97 -9.23
N PRO A 3 15.49 -8.36 -8.88
CA PRO A 3 16.20 -8.78 -7.67
C PRO A 3 15.52 -8.26 -6.42
N VAL A 4 15.37 -9.16 -5.43
CA VAL A 4 14.67 -8.75 -4.22
C VAL A 4 15.50 -7.73 -3.47
N GLU A 5 16.83 -7.73 -3.68
CA GLU A 5 17.63 -6.72 -2.99
C GLU A 5 17.23 -5.32 -3.42
N ARG A 6 16.87 -5.17 -4.70
CA ARG A 6 16.47 -3.84 -5.19
C ARG A 6 15.12 -3.44 -4.62
N ILE A 7 14.24 -4.42 -4.41
CA ILE A 7 12.92 -4.15 -3.85
C ILE A 7 13.07 -3.80 -2.37
N LEU A 8 13.96 -4.51 -1.67
CA LEU A 8 14.28 -4.12 -0.30
C LEU A 8 14.86 -2.71 -0.26
N GLU A 9 15.80 -2.39 -1.15
CA GLU A 9 16.37 -1.02 -1.11
C GLU A 9 15.29 0.03 -1.27
N ALA A 10 14.28 -0.25 -2.12
CA ALA A 10 13.20 0.68 -2.35
C ALA A 10 12.41 0.88 -1.07
N GLU A 11 12.12 -0.20 -0.35
CA GLU A 11 11.48 -0.07 0.96
C GLU A 11 12.32 0.78 1.89
N LEU A 12 13.61 0.45 2.04
CA LEU A 12 14.42 1.14 3.03
C LEU A 12 14.60 2.61 2.65
N ALA A 13 14.60 2.91 1.34
CA ALA A 13 14.83 4.27 0.88
C ALA A 13 13.73 5.21 1.31
N VAL A 14 12.49 4.70 1.44
CA VAL A 14 11.37 5.55 1.75
C VAL A 14 10.84 5.27 3.16
N ASP A 35 -8.17 16.43 14.81
CA ASP A 35 -9.24 15.55 14.38
C ASP A 35 -8.64 14.33 13.76
N PRO A 36 -9.11 13.14 14.12
CA PRO A 36 -8.52 11.94 13.51
C PRO A 36 -8.71 11.89 12.00
N VAL A 37 -9.78 12.48 11.45
CA VAL A 37 -9.82 12.32 9.99
C VAL A 37 -8.84 13.28 9.32
N THR A 38 -8.63 14.47 9.88
CA THR A 38 -7.54 15.29 9.38
C THR A 38 -6.21 14.53 9.46
N ASN A 39 -5.93 13.87 10.59
CA ASN A 39 -4.64 13.17 10.70
C ASN A 39 -4.53 12.05 9.66
N ILE A 40 -5.61 11.31 9.45
CA ILE A 40 -5.58 10.21 8.48
C ILE A 40 -5.32 10.77 7.09
N CYS A 41 -6.04 11.85 6.73
CA CYS A 41 -5.87 12.43 5.39
C CYS A 41 -4.49 13.06 5.21
N GLN A 42 -3.95 13.72 6.23
CA GLN A 42 -2.61 14.32 6.10
C GLN A 42 -1.53 13.27 5.95
N ALA A 43 -1.68 12.15 6.68
CA ALA A 43 -0.74 11.03 6.58
C ALA A 43 -0.80 10.38 5.21
N ALA A 44 -2.00 10.11 4.70
CA ALA A 44 -2.09 9.52 3.38
C ALA A 44 -1.48 10.43 2.32
N ASP A 45 -1.75 11.73 2.40
CA ASP A 45 -1.22 12.68 1.41
C ASP A 45 0.30 12.70 1.48
N LYS A 46 0.86 12.79 2.69
N LYS A 46 0.86 12.79 2.69
CA LYS A 46 2.33 12.72 2.85
CA LYS A 46 2.32 12.72 2.86
C LYS A 46 2.90 11.51 2.13
C LYS A 46 2.91 11.51 2.16
N GLN A 47 2.31 10.33 2.39
CA GLN A 47 2.86 9.11 1.83
C GLN A 47 2.63 8.95 0.34
N LEU A 48 1.64 9.66 -0.24
CA LEU A 48 1.51 9.58 -1.71
C LEU A 48 2.76 10.10 -2.42
N PHE A 49 3.34 11.21 -1.93
CA PHE A 49 4.53 11.71 -2.61
C PHE A 49 5.65 10.70 -2.53
N THR A 50 5.81 10.10 -1.36
CA THR A 50 6.84 9.10 -1.11
C THR A 50 6.61 7.85 -1.95
N LEU A 51 5.35 7.53 -2.16
CA LEU A 51 5.04 6.31 -2.90
C LEU A 51 5.50 6.40 -4.36
N VAL A 52 5.39 7.59 -4.96
CA VAL A 52 5.88 7.73 -6.33
C VAL A 52 7.37 7.45 -6.40
N GLU A 53 8.15 7.98 -5.43
CA GLU A 53 9.58 7.71 -5.41
C GLU A 53 9.87 6.23 -5.19
N TRP A 54 9.09 5.59 -4.32
CA TRP A 54 9.21 4.14 -4.13
C TRP A 54 8.99 3.38 -5.43
N ALA A 55 7.90 3.70 -6.14
CA ALA A 55 7.59 2.97 -7.38
C ALA A 55 8.70 3.11 -8.42
N LYS A 56 9.28 4.31 -8.54
CA LYS A 56 10.39 4.48 -9.49
C LYS A 56 11.60 3.61 -9.15
N ARG A 57 11.74 3.20 -7.90
CA ARG A 57 12.84 2.35 -7.51
C ARG A 57 12.56 0.87 -7.67
N ILE A 58 11.35 0.50 -8.05
CA ILE A 58 11.05 -0.91 -8.32
C ILE A 58 11.52 -1.23 -9.73
N PRO A 59 12.33 -2.26 -9.89
CA PRO A 59 12.88 -2.58 -11.22
C PRO A 59 11.82 -2.60 -12.30
N HIS A 60 12.07 -1.83 -13.37
CA HIS A 60 11.35 -1.84 -14.65
C HIS A 60 10.08 -1.04 -14.58
N PHE A 61 9.66 -0.59 -13.40
CA PHE A 61 8.44 0.21 -13.36
C PHE A 61 8.59 1.47 -14.25
N SER A 62 9.71 2.17 -14.08
N SER A 62 9.71 2.18 -14.08
CA SER A 62 9.91 3.41 -14.84
CA SER A 62 9.89 3.42 -14.84
C SER A 62 10.11 3.17 -16.33
C SER A 62 10.09 3.17 -16.32
N GLU A 63 10.24 1.92 -16.75
CA GLU A 63 10.34 1.60 -18.17
C GLU A 63 8.98 1.41 -18.85
N LEU A 64 7.90 1.25 -18.07
CA LEU A 64 6.56 1.21 -18.63
C LEU A 64 6.23 2.55 -19.23
N PRO A 65 5.29 2.55 -20.18
CA PRO A 65 4.79 3.82 -20.71
C PRO A 65 4.32 4.71 -19.56
N LEU A 66 4.60 6.02 -19.66
CA LEU A 66 4.20 6.91 -18.56
C LEU A 66 2.72 6.79 -18.22
N ASP A 67 1.86 6.72 -19.25
CA ASP A 67 0.43 6.67 -18.95
C ASP A 67 0.10 5.38 -18.20
N ASP A 68 0.84 4.30 -18.44
CA ASP A 68 0.62 3.08 -17.66
C ASP A 68 1.14 3.22 -16.22
N GLN A 69 2.26 3.90 -16.02
CA GLN A 69 2.68 4.19 -14.64
C GLN A 69 1.59 4.95 -13.88
N VAL A 70 0.99 5.94 -14.55
CA VAL A 70 -0.11 6.68 -13.91
C VAL A 70 -1.23 5.72 -13.54
N ILE A 71 -1.60 4.84 -14.48
N ILE A 71 -1.60 4.86 -14.48
CA ILE A 71 -2.73 3.94 -14.23
CA ILE A 71 -2.72 3.93 -14.25
C ILE A 71 -2.44 3.03 -13.06
C ILE A 71 -2.42 3.03 -13.06
N LEU A 72 -1.21 2.47 -13.01
CA LEU A 72 -0.90 1.54 -11.93
C LEU A 72 -0.92 2.23 -10.58
N LEU A 73 -0.39 3.44 -10.50
CA LEU A 73 -0.34 4.08 -9.19
C LEU A 73 -1.73 4.55 -8.78
N ARG A 74 -2.54 5.00 -9.73
CA ARG A 74 -3.91 5.35 -9.36
C ARG A 74 -4.69 4.11 -8.90
N ALA A 75 -4.43 2.96 -9.51
CA ALA A 75 -5.17 1.75 -9.15
C ALA A 75 -4.70 1.20 -7.81
N GLY A 76 -3.43 1.41 -7.48
CA GLY A 76 -2.85 0.64 -6.38
C GLY A 76 -2.48 1.46 -5.15
N TRP A 77 -2.45 2.81 -5.24
CA TRP A 77 -1.85 3.60 -4.15
C TRP A 77 -2.46 3.21 -2.80
N ASN A 78 -3.78 3.05 -2.75
CA ASN A 78 -4.41 2.91 -1.44
C ASN A 78 -3.99 1.59 -0.77
N GLU A 79 -4.06 0.48 -1.50
CA GLU A 79 -3.55 -0.81 -0.97
C GLU A 79 -2.06 -0.73 -0.63
N LEU A 80 -1.27 -0.07 -1.50
CA LEU A 80 0.16 0.07 -1.19
C LEU A 80 0.38 0.81 0.12
N LEU A 81 -0.37 1.87 0.37
CA LEU A 81 -0.17 2.61 1.63
C LEU A 81 -0.66 1.80 2.83
N ILE A 82 -1.76 1.08 2.66
CA ILE A 82 -2.31 0.30 3.76
C ILE A 82 -1.36 -0.81 4.15
N ALA A 83 -0.79 -1.48 3.15
CA ALA A 83 0.20 -2.51 3.47
C ALA A 83 1.35 -1.91 4.29
N SER A 84 1.85 -0.74 3.87
N SER A 84 1.83 -0.73 3.87
CA SER A 84 2.97 -0.10 4.56
CA SER A 84 2.94 -0.09 4.55
C SER A 84 2.61 0.34 5.98
C SER A 84 2.57 0.28 5.99
N PHE A 85 1.46 0.99 6.19
CA PHE A 85 1.17 1.39 7.58
C PHE A 85 0.85 0.19 8.43
N SER A 86 0.33 -0.89 7.83
CA SER A 86 0.05 -2.07 8.64
C SER A 86 1.36 -2.68 9.16
N HIS A 87 2.35 -2.81 8.28
CA HIS A 87 3.62 -3.41 8.69
C HIS A 87 4.34 -2.51 9.70
N ARG A 88 4.22 -1.18 9.50
CA ARG A 88 4.84 -0.23 10.41
C ARG A 88 4.24 -0.36 11.80
N SER A 89 2.98 -0.85 11.89
CA SER A 89 2.25 -0.84 13.17
C SER A 89 2.44 -2.13 13.96
N ILE A 90 3.28 -3.05 13.46
CA ILE A 90 3.53 -4.28 14.21
C ILE A 90 3.93 -3.99 15.66
N ALA A 91 4.75 -2.98 15.86
CA ALA A 91 5.21 -2.73 17.21
C ALA A 91 4.26 -1.85 18.01
N VAL A 92 3.11 -1.47 17.45
CA VAL A 92 2.16 -0.67 18.22
C VAL A 92 1.18 -1.61 18.92
N LYS A 93 0.76 -1.26 20.13
CA LYS A 93 -0.24 -2.06 20.83
C LYS A 93 -1.64 -1.59 20.43
N ASP A 94 -2.38 -2.46 19.75
N ASP A 94 -2.40 -2.45 19.76
CA ASP A 94 -3.79 -2.20 19.42
CA ASP A 94 -3.81 -2.16 19.46
C ASP A 94 -3.95 -0.84 18.74
C ASP A 94 -3.97 -0.81 18.74
N GLY A 95 -3.17 -0.59 17.70
CA GLY A 95 -3.26 0.69 17.04
C GLY A 95 -2.48 0.74 15.75
N ILE A 96 -2.59 1.88 15.09
CA ILE A 96 -1.91 2.16 13.84
C ILE A 96 -0.96 3.33 14.02
N LEU A 97 0.27 3.17 13.56
CA LEU A 97 1.24 4.25 13.53
C LEU A 97 1.18 4.91 12.14
N LEU A 98 0.63 6.13 12.09
CA LEU A 98 0.59 6.90 10.86
C LEU A 98 1.98 7.41 10.50
N ALA A 99 2.15 7.75 9.22
CA ALA A 99 3.47 8.15 8.73
C ALA A 99 3.95 9.45 9.33
N THR A 100 3.03 10.26 9.84
CA THR A 100 3.35 11.49 10.56
C THR A 100 3.86 11.25 11.98
N GLY A 101 3.78 10.03 12.48
CA GLY A 101 4.14 9.71 13.85
C GLY A 101 2.97 9.72 14.80
N LEU A 102 1.82 10.19 14.36
CA LEU A 102 0.61 10.14 15.18
C LEU A 102 0.07 8.71 15.19
N HIS A 103 -0.57 8.35 16.30
CA HIS A 103 -1.17 7.01 16.39
C HIS A 103 -2.68 7.16 16.15
N VAL A 104 -3.27 6.13 15.57
CA VAL A 104 -4.71 5.94 15.63
C VAL A 104 -4.96 4.77 16.56
N HIS A 105 -5.70 5.01 17.66
CA HIS A 105 -6.17 3.95 18.53
C HIS A 105 -7.69 3.84 18.43
N ARG A 106 -8.27 2.92 19.23
CA ARG A 106 -9.66 2.56 18.98
C ARG A 106 -10.60 3.74 19.16
N ASN A 107 -10.41 4.55 20.21
CA ASN A 107 -11.31 5.68 20.37
C ASN A 107 -11.25 6.64 19.19
N SER A 108 -10.05 6.97 18.70
N SER A 108 -10.05 6.99 18.72
CA SER A 108 -9.97 7.92 17.59
CA SER A 108 -9.97 7.90 17.58
C SER A 108 -10.49 7.29 16.30
C SER A 108 -10.63 7.26 16.37
N ALA A 109 -10.32 5.99 16.10
CA ALA A 109 -10.95 5.33 14.97
C ALA A 109 -12.48 5.44 15.04
N HIS A 110 -13.08 5.22 16.20
N HIS A 110 -13.07 5.15 16.20
CA HIS A 110 -14.54 5.35 16.25
CA HIS A 110 -14.52 5.32 16.37
C HIS A 110 -15.00 6.79 16.05
C HIS A 110 -14.97 6.72 15.99
N SER A 111 -14.27 7.78 16.58
N SER A 111 -14.30 7.75 16.55
CA SER A 111 -14.64 9.17 16.34
CA SER A 111 -14.73 9.13 16.33
C SER A 111 -14.59 9.51 14.85
C SER A 111 -14.60 9.51 14.85
N ALA A 112 -13.71 8.85 14.12
CA ALA A 112 -13.61 9.09 12.68
C ALA A 112 -14.64 8.25 11.93
N GLY A 113 -15.40 7.41 12.63
CA GLY A 113 -16.29 6.51 11.93
C GLY A 113 -15.61 5.34 11.25
N VAL A 114 -14.37 5.02 11.61
CA VAL A 114 -13.69 3.95 10.89
C VAL A 114 -13.32 2.81 11.83
N GLY A 115 -14.10 2.64 12.92
CA GLY A 115 -13.79 1.60 13.89
C GLY A 115 -13.81 0.19 13.32
N ALA A 116 -14.80 -0.14 12.47
CA ALA A 116 -14.86 -1.51 11.96
C ALA A 116 -13.68 -1.83 11.05
N ILE A 117 -13.33 -0.90 10.15
CA ILE A 117 -12.21 -1.21 9.25
C ILE A 117 -10.90 -1.18 10.01
N PHE A 118 -10.79 -0.34 11.03
CA PHE A 118 -9.63 -0.35 11.95
C PHE A 118 -9.45 -1.73 12.55
N ASP A 119 -10.54 -2.31 13.06
CA ASP A 119 -10.46 -3.65 13.62
C ASP A 119 -10.01 -4.65 12.57
N ARG A 120 -10.51 -4.55 11.33
CA ARG A 120 -10.05 -5.48 10.29
C ARG A 120 -8.56 -5.29 9.99
N VAL A 121 -8.09 -4.05 9.93
CA VAL A 121 -6.65 -3.86 9.71
C VAL A 121 -5.86 -4.61 10.80
N LEU A 122 -6.26 -4.45 12.05
CA LEU A 122 -5.48 -5.09 13.12
C LEU A 122 -5.58 -6.60 13.04
N THR A 123 -6.76 -7.15 12.79
N THR A 123 -6.76 -7.13 12.76
CA THR A 123 -6.88 -8.60 12.86
CA THR A 123 -6.97 -8.58 12.84
C THR A 123 -6.43 -9.30 11.59
C THR A 123 -6.47 -9.30 11.59
N GLU A 124 -6.63 -8.68 10.42
CA GLU A 124 -6.33 -9.36 9.15
C GLU A 124 -4.96 -9.01 8.60
N LEU A 125 -4.37 -7.89 9.03
CA LEU A 125 -3.06 -7.51 8.46
C LEU A 125 -2.03 -7.37 9.56
N VAL A 126 -2.19 -6.40 10.47
CA VAL A 126 -1.10 -6.13 11.43
C VAL A 126 -0.76 -7.39 12.22
N SER A 127 -1.76 -7.99 12.86
N SER A 127 -1.77 -7.99 12.87
CA SER A 127 -1.47 -9.12 13.73
CA SER A 127 -1.51 -9.13 13.74
C SER A 127 -0.95 -10.32 12.96
C SER A 127 -0.93 -10.31 12.96
N LYS A 128 -1.32 -10.45 11.68
CA LYS A 128 -0.85 -11.59 10.88
C LYS A 128 0.58 -11.35 10.42
N MET A 129 0.88 -10.10 10.08
CA MET A 129 2.25 -9.74 9.79
C MET A 129 3.13 -10.00 11.00
N ARG A 130 2.63 -9.62 12.18
N ARG A 130 2.64 -9.58 12.18
CA ARG A 130 3.41 -9.77 13.41
CA ARG A 130 3.40 -9.77 13.40
C ARG A 130 3.58 -11.24 13.77
C ARG A 130 3.60 -11.25 13.69
N ASP A 131 2.50 -12.03 13.63
CA ASP A 131 2.59 -13.45 14.01
C ASP A 131 3.62 -14.20 13.16
N MET A 132 3.64 -13.94 11.85
CA MET A 132 4.57 -14.62 10.97
C MET A 132 5.89 -13.88 10.83
N GLN A 133 6.03 -12.73 11.49
CA GLN A 133 7.24 -11.91 11.37
C GLN A 133 7.55 -11.65 9.90
N MET A 134 6.55 -11.21 9.17
CA MET A 134 6.77 -10.80 7.79
C MET A 134 7.92 -9.80 7.74
N ASP A 135 8.90 -10.01 6.84
CA ASP A 135 10.07 -9.13 6.88
C ASP A 135 9.94 -8.06 5.80
N LYS A 136 10.93 -7.14 5.74
CA LYS A 136 10.76 -5.99 4.82
C LYS A 136 10.93 -6.38 3.38
N THR A 137 11.71 -7.42 3.10
CA THR A 137 11.80 -7.90 1.73
C THR A 137 10.47 -8.48 1.28
N GLU A 138 9.86 -9.31 2.14
CA GLU A 138 8.54 -9.85 1.83
C GLU A 138 7.51 -8.75 1.63
N LEU A 139 7.44 -7.80 2.58
CA LEU A 139 6.54 -6.66 2.40
C LEU A 139 6.79 -5.97 1.07
N GLY A 140 8.06 -5.66 0.76
CA GLY A 140 8.32 -4.93 -0.47
C GLY A 140 7.85 -5.71 -1.69
N CYS A 141 8.04 -7.03 -1.65
CA CYS A 141 7.64 -7.86 -2.79
C CYS A 141 6.11 -7.91 -2.91
N LEU A 142 5.39 -8.02 -1.79
CA LEU A 142 3.93 -7.99 -1.90
C LEU A 142 3.47 -6.65 -2.45
N ARG A 143 4.06 -5.56 -1.97
CA ARG A 143 3.71 -4.24 -2.53
C ARG A 143 4.05 -4.16 -4.04
N ALA A 144 5.18 -4.71 -4.47
CA ALA A 144 5.44 -4.68 -5.93
C ALA A 144 4.44 -5.52 -6.70
N ILE A 145 4.01 -6.67 -6.14
CA ILE A 145 2.94 -7.44 -6.78
C ILE A 145 1.67 -6.59 -6.90
N VAL A 146 1.28 -5.90 -5.82
CA VAL A 146 0.09 -5.06 -5.92
C VAL A 146 0.29 -3.92 -6.93
N LEU A 147 1.49 -3.33 -6.98
CA LEU A 147 1.76 -2.26 -7.93
C LEU A 147 1.56 -2.76 -9.34
N PHE A 148 2.16 -3.90 -9.66
CA PHE A 148 2.06 -4.47 -11.02
C PHE A 148 0.74 -5.24 -11.14
N ASN A 149 -0.34 -4.47 -11.13
CA ASN A 149 -1.68 -5.06 -11.16
C ASN A 149 -2.18 -5.09 -12.60
N PRO A 150 -2.19 -6.27 -13.24
CA PRO A 150 -2.53 -6.34 -14.67
C PRO A 150 -4.01 -6.14 -14.94
N ASP A 151 -4.86 -6.11 -13.90
CA ASP A 151 -6.29 -5.86 -14.10
C ASP A 151 -6.65 -4.38 -14.14
N SER A 152 -5.66 -3.51 -13.95
CA SER A 152 -5.92 -2.07 -13.90
C SER A 152 -6.48 -1.61 -15.24
N LYS A 153 -7.63 -0.93 -15.21
CA LYS A 153 -8.28 -0.62 -16.47
C LYS A 153 -7.49 0.41 -17.28
N GLY A 154 -7.44 0.20 -18.60
CA GLY A 154 -6.85 1.17 -19.53
C GLY A 154 -5.36 0.97 -19.82
N LEU A 155 -4.72 -0.02 -19.20
CA LEU A 155 -3.30 -0.28 -19.48
C LEU A 155 -3.08 -0.49 -20.96
N SER A 156 -1.96 0.05 -21.51
CA SER A 156 -1.69 -0.14 -22.94
C SER A 156 -1.46 -1.60 -23.30
N ASN A 157 -0.85 -2.38 -22.40
CA ASN A 157 -0.59 -3.80 -22.68
C ASN A 157 -0.63 -4.53 -21.36
N PRO A 158 -1.83 -4.94 -20.91
CA PRO A 158 -1.91 -5.55 -19.56
C PRO A 158 -0.93 -6.70 -19.36
N ALA A 159 -0.66 -7.49 -20.43
CA ALA A 159 0.22 -8.64 -20.24
C ALA A 159 1.64 -8.23 -19.86
N GLU A 160 2.11 -7.05 -20.30
CA GLU A 160 3.44 -6.63 -19.86
C GLU A 160 3.46 -6.43 -18.36
N VAL A 161 2.35 -5.94 -17.80
CA VAL A 161 2.28 -5.76 -16.37
C VAL A 161 2.20 -7.11 -15.68
N GLU A 162 1.42 -8.05 -16.23
CA GLU A 162 1.42 -9.40 -15.66
C GLU A 162 2.84 -10.00 -15.69
N ALA A 163 3.58 -9.77 -16.79
CA ALA A 163 4.94 -10.33 -16.87
C ALA A 163 5.81 -9.80 -15.73
N LEU A 164 5.70 -8.51 -15.40
CA LEU A 164 6.51 -7.97 -14.32
C LEU A 164 6.05 -8.54 -12.97
N ARG A 165 4.73 -8.67 -12.78
CA ARG A 165 4.21 -9.30 -11.57
C ARG A 165 4.79 -10.71 -11.40
N GLU A 166 4.83 -11.47 -12.48
CA GLU A 166 5.32 -12.85 -12.36
C GLU A 166 6.82 -12.89 -12.05
N LYS A 167 7.58 -11.91 -12.54
CA LYS A 167 8.98 -11.83 -12.12
C LYS A 167 9.11 -11.53 -10.63
N VAL A 168 8.27 -10.63 -10.11
CA VAL A 168 8.32 -10.36 -8.66
C VAL A 168 8.02 -11.64 -7.88
N TYR A 169 6.92 -12.34 -8.21
CA TYR A 169 6.63 -13.42 -7.26
C TYR A 169 7.58 -14.62 -7.44
N ALA A 170 8.17 -14.78 -8.63
CA ALA A 170 9.23 -15.80 -8.76
C ALA A 170 10.38 -15.47 -7.81
N SER A 171 10.78 -14.19 -7.78
CA SER A 171 11.88 -13.79 -6.90
C SER A 171 11.49 -13.93 -5.43
N LEU A 172 10.27 -13.54 -5.11
CA LEU A 172 9.80 -13.66 -3.73
C LEU A 172 9.81 -15.12 -3.27
N GLU A 173 9.31 -15.99 -4.11
CA GLU A 173 9.28 -17.40 -3.74
C GLU A 173 10.70 -17.92 -3.47
N ALA A 174 11.64 -17.59 -4.35
CA ALA A 174 13.01 -18.08 -4.16
C ALA A 174 13.63 -17.53 -2.88
N TYR A 175 13.36 -16.26 -2.58
CA TYR A 175 13.81 -15.66 -1.32
C TYR A 175 13.21 -16.40 -0.11
N CYS A 176 11.87 -16.61 -0.10
CA CYS A 176 11.27 -17.32 1.05
C CYS A 176 11.81 -18.73 1.18
N LYS A 177 11.97 -19.44 0.07
CA LYS A 177 12.43 -20.84 0.16
C LYS A 177 13.90 -20.92 0.56
N HIS A 178 14.69 -19.88 0.30
CA HIS A 178 16.07 -19.89 0.80
C HIS A 178 16.15 -19.49 2.28
N LYS A 179 15.41 -18.47 2.68
CA LYS A 179 15.56 -17.95 4.02
C LYS A 179 14.77 -18.77 5.06
N TYR A 180 13.62 -19.30 4.64
CA TYR A 180 12.65 -19.99 5.51
C TYR A 180 12.30 -21.36 4.94
N PRO A 181 13.31 -22.20 4.69
CA PRO A 181 13.03 -23.53 4.09
C PRO A 181 12.21 -24.44 4.99
N GLU A 182 12.22 -24.20 6.32
CA GLU A 182 11.41 -24.98 7.25
C GLU A 182 9.95 -24.54 7.24
N GLN A 183 9.61 -23.51 6.46
CA GLN A 183 8.23 -23.04 6.28
C GLN A 183 7.83 -23.12 4.80
N PRO A 184 7.59 -24.31 4.29
CA PRO A 184 7.32 -24.46 2.85
C PRO A 184 6.09 -23.69 2.38
N GLY A 185 5.13 -23.49 3.27
CA GLY A 185 3.94 -22.77 2.86
C GLY A 185 4.03 -21.26 3.00
N ARG A 186 5.20 -20.71 3.34
CA ARG A 186 5.25 -19.27 3.67
C ARG A 186 4.93 -18.39 2.45
N PHE A 187 5.43 -18.78 1.27
CA PHE A 187 5.18 -17.94 0.08
C PHE A 187 3.68 -17.80 -0.19
N ALA A 188 2.95 -18.92 -0.16
CA ALA A 188 1.50 -18.86 -0.40
C ALA A 188 0.80 -18.11 0.73
N LYS A 189 1.30 -18.26 1.95
CA LYS A 189 0.69 -17.55 3.06
C LYS A 189 0.81 -16.04 2.87
N LEU A 190 1.96 -15.56 2.39
CA LEU A 190 2.08 -14.13 2.05
C LEU A 190 1.08 -13.71 0.97
N LEU A 191 1.03 -14.45 -0.14
CA LEU A 191 0.11 -14.09 -1.20
C LEU A 191 -1.34 -14.09 -0.73
N LEU A 192 -1.69 -14.97 0.21
CA LEU A 192 -3.06 -15.07 0.68
C LEU A 192 -3.41 -14.03 1.77
N ARG A 193 -2.57 -13.02 2.00
CA ARG A 193 -3.08 -11.80 2.64
C ARG A 193 -3.60 -10.80 1.61
N LEU A 194 -3.37 -11.04 0.30
CA LEU A 194 -3.77 -10.01 -0.66
C LEU A 194 -5.28 -9.87 -0.85
N PRO A 195 -6.10 -10.92 -0.73
CA PRO A 195 -7.56 -10.69 -0.76
C PRO A 195 -8.03 -9.80 0.40
N ALA A 196 -7.52 -10.02 1.63
CA ALA A 196 -7.83 -9.12 2.73
C ALA A 196 -7.40 -7.71 2.41
N LEU A 197 -6.18 -7.55 1.87
CA LEU A 197 -5.73 -6.19 1.57
C LEU A 197 -6.66 -5.52 0.56
N ARG A 198 -7.15 -6.30 -0.43
CA ARG A 198 -8.05 -5.75 -1.46
C ARG A 198 -9.35 -5.26 -0.82
N SER A 199 -9.98 -6.09 0.03
N SER A 199 -9.99 -6.14 -0.01
N SER A 199 -9.96 -6.11 0.02
CA SER A 199 -11.26 -5.63 0.57
CA SER A 199 -11.21 -5.76 0.71
CA SER A 199 -11.22 -5.76 0.66
C SER A 199 -11.06 -4.54 1.63
C SER A 199 -10.98 -4.52 1.55
C SER A 199 -11.05 -4.59 1.62
N ILE A 200 -9.95 -4.57 2.37
CA ILE A 200 -9.69 -3.48 3.31
C ILE A 200 -9.45 -2.18 2.55
N GLY A 201 -8.75 -2.24 1.43
CA GLY A 201 -8.50 -1.05 0.66
C GLY A 201 -9.81 -0.47 0.14
N LEU A 202 -10.73 -1.33 -0.33
CA LEU A 202 -11.99 -0.84 -0.87
C LEU A 202 -12.76 -0.09 0.20
N LYS A 203 -12.74 -0.61 1.43
CA LYS A 203 -13.48 0.05 2.49
C LYS A 203 -12.79 1.35 2.93
N CYS A 204 -11.46 1.33 3.10
CA CYS A 204 -10.78 2.60 3.40
C CYS A 204 -11.07 3.66 2.34
N LEU A 205 -11.02 3.28 1.05
CA LEU A 205 -11.32 4.26 -0.02
C LEU A 205 -12.73 4.83 0.13
N GLU A 206 -13.72 3.99 0.48
N GLU A 206 -13.70 3.98 0.47
CA GLU A 206 -15.07 4.50 0.68
CA GLU A 206 -15.05 4.45 0.72
C GLU A 206 -15.07 5.55 1.78
C GLU A 206 -15.05 5.54 1.77
N HIS A 207 -14.33 5.30 2.87
CA HIS A 207 -14.25 6.30 3.92
C HIS A 207 -13.64 7.58 3.41
N LEU A 208 -12.52 7.47 2.67
CA LEU A 208 -11.90 8.69 2.15
C LEU A 208 -12.83 9.44 1.21
N PHE A 209 -13.56 8.73 0.33
CA PHE A 209 -14.50 9.46 -0.54
C PHE A 209 -15.53 10.22 0.28
N PHE A 210 -16.01 9.59 1.36
CA PHE A 210 -16.97 10.26 2.24
C PHE A 210 -16.34 11.49 2.89
N PHE A 211 -15.09 11.39 3.38
CA PHE A 211 -14.47 12.57 3.98
C PHE A 211 -14.37 13.69 2.95
N LYS A 212 -14.09 13.33 1.71
CA LYS A 212 -14.04 14.37 0.67
C LYS A 212 -15.42 14.96 0.41
N LEU A 213 -16.44 14.09 0.34
CA LEU A 213 -17.78 14.55 0.03
C LEU A 213 -18.22 15.63 1.00
N ILE A 214 -17.96 15.41 2.31
CA ILE A 214 -18.50 16.31 3.33
C ILE A 214 -17.56 17.48 3.63
N GLY A 215 -16.39 17.51 3.00
CA GLY A 215 -15.51 18.63 3.17
C GLY A 215 -14.56 18.51 4.33
N ASP A 216 -14.28 17.29 4.82
CA ASP A 216 -13.33 17.08 5.91
C ASP A 216 -11.90 16.80 5.42
N THR A 217 -11.64 16.70 4.09
CA THR A 217 -10.29 16.56 3.52
C THR A 217 -9.62 17.93 3.39
N PRO A 218 -8.33 18.03 3.73
CA PRO A 218 -7.57 19.21 3.30
C PRO A 218 -7.71 19.37 1.81
N ILE A 219 -7.80 20.63 1.36
CA ILE A 219 -7.99 20.87 -0.07
C ILE A 219 -6.64 21.07 -0.75
N ASP A 220 -6.66 20.97 -2.09
CA ASP A 220 -5.52 21.31 -2.95
C ASP A 220 -4.38 20.33 -2.82
N THR A 221 -4.69 19.08 -2.51
CA THR A 221 -3.65 18.12 -2.21
C THR A 221 -3.52 17.07 -3.32
N PHE A 222 -2.41 16.35 -3.25
CA PHE A 222 -2.26 15.14 -4.06
C PHE A 222 -3.32 14.09 -3.70
N LEU A 223 -3.65 13.95 -2.42
CA LEU A 223 -4.74 13.03 -2.07
C LEU A 223 -6.03 13.39 -2.81
N MET A 224 -6.37 14.67 -2.88
CA MET A 224 -7.61 15.03 -3.57
C MET A 224 -7.56 14.64 -5.03
N GLU A 225 -6.40 14.77 -5.68
CA GLU A 225 -6.30 14.30 -7.06
C GLU A 225 -6.55 12.80 -7.14
N MET A 226 -5.97 12.05 -6.22
CA MET A 226 -6.21 10.61 -6.26
C MET A 226 -7.69 10.30 -6.07
N LEU A 227 -8.40 11.14 -5.33
N LEU A 227 -8.40 11.14 -5.32
CA LEU A 227 -9.81 10.87 -5.07
CA LEU A 227 -9.82 10.92 -5.05
C LEU A 227 -10.72 11.47 -6.14
C LEU A 227 -10.73 11.54 -6.10
N GLU A 228 -10.17 12.13 -7.16
CA GLU A 228 -10.97 12.75 -8.21
C GLU A 228 -10.81 12.00 -9.52
N HIS B 1 -3.93 13.86 -15.11
CA HIS B 1 -3.81 13.79 -13.63
C HIS B 1 -2.51 14.49 -13.30
N LYS B 2 -2.60 15.81 -13.13
CA LYS B 2 -1.42 16.63 -13.37
C LYS B 2 -0.35 16.40 -12.31
N ILE B 3 -0.73 16.21 -11.04
CA ILE B 3 0.30 16.06 -10.00
C ILE B 3 1.09 14.77 -10.22
N LEU B 4 0.36 13.65 -10.36
CA LEU B 4 1.04 12.35 -10.49
C LEU B 4 1.89 12.28 -11.75
N HIS B 5 1.35 12.80 -12.86
N HIS B 5 1.32 12.74 -12.87
CA HIS B 5 2.07 12.77 -14.13
CA HIS B 5 2.09 12.80 -14.11
C HIS B 5 3.33 13.63 -14.08
C HIS B 5 3.39 13.55 -13.91
N ARG B 6 3.30 14.74 -13.33
CA ARG B 6 4.48 15.54 -13.12
C ARG B 6 5.50 14.84 -12.18
N LEU B 7 5.01 14.30 -11.07
CA LEU B 7 5.95 13.69 -10.13
C LEU B 7 6.65 12.49 -10.75
N LEU B 8 5.97 11.76 -11.63
CA LEU B 8 6.63 10.62 -12.28
C LEU B 8 7.78 11.06 -13.18
N GLN B 9 7.75 12.28 -13.68
CA GLN B 9 8.80 12.77 -14.58
C GLN B 9 9.86 13.60 -13.85
N ASP B 10 9.71 13.80 -12.55
CA ASP B 10 10.54 14.70 -11.74
C ASP B 10 11.68 13.88 -11.13
N SER B 11 12.92 14.22 -11.49
CA SER B 11 14.07 13.45 -10.98
C SER B 11 15.03 14.25 -10.09
#